data_5SMA
#
_entry.id   5SMA
#
_cell.length_a   68.259
_cell.length_b   67.716
_cell.length_c   138.575
_cell.angle_alpha   90.000
_cell.angle_beta   90.000
_cell.angle_gamma   90.000
#
_symmetry.space_group_name_H-M   'P 21 21 21'
#
loop_
_entity.id
_entity.type
_entity.pdbx_description
1 polymer 'Proofreading exoribonuclease nsp14'
2 non-polymer 'ZINC ION'
3 non-polymer 'PHOSPHATE ION'
4 non-polymer 4-methyl-N-phenylpiperazine-1-carboxamide
5 water water
#
_entity_poly.entity_id   1
_entity_poly.type   'polypeptide(L)'
_entity_poly.pdbx_seq_one_letter_code
;SMLFKDCSKVITGLHPTQAPTHLSVDTKFKTEGLCVDIPGIPKDMTYRRLISMMGFKMNYQVNGYPNMFITREEAIRHVR
AWIGFDVEGCHATREAVGTNLPLQLGFSTGVNLVAVPTGYVDTPNNTDFSRVSAKPPPGDQFKHLIPLMYKGLPWNVVRI
KIVQMLSDTLKNLSDRVVFVLWAHGFELTSMKYFVKIGPERTCCLCDRRATCFSTASDTYACWHHSIGFDYVYNPFMIDV
QQWGFTGNLQSNHDLYCQVHGNAHVASCDAIMTRCLAVHECFVKRVDWTIEYPIIGDELKINAACRKVQHMVVKAALLAD
KFPVLHDIGNPKAIKCVPQADVEWKFYDAQPCSDKAYKIEELFYSYATHSDKFTDGVCLFWNCNVDRYPANSIVCRFDTR
VLSNLNLPGCDGGSLYVNKHAFHTPAFDKSAFVNLKQLPFFYYSDSPCESHGKQVVSDIDYVPLKSATCITRCNLGGAVC
RHHANEYRLYLDAYNMMISAGFSLWVYKQFDTYNLWNTFTRLQ
;
_entity_poly.pdbx_strand_id   D
#
# COMPACT_ATOMS: atom_id res chain seq x y z
N PRO A 20 2.74 -5.02 27.70
CA PRO A 20 2.15 -5.42 26.42
C PRO A 20 2.53 -4.52 25.25
N THR A 21 3.83 -4.25 25.11
CA THR A 21 4.32 -3.44 23.99
C THR A 21 5.12 -4.34 23.03
N HIS A 22 6.18 -4.99 23.52
CA HIS A 22 7.02 -5.83 22.68
C HIS A 22 6.76 -7.35 22.88
N LEU A 23 7.32 -8.19 21.99
CA LEU A 23 7.17 -9.63 22.11
C LEU A 23 8.19 -10.08 23.13
N SER A 24 7.75 -10.72 24.24
CA SER A 24 8.65 -11.22 25.29
C SER A 24 9.58 -12.26 24.70
N VAL A 25 10.88 -12.20 25.01
CA VAL A 25 11.80 -13.24 24.52
C VAL A 25 11.47 -14.59 25.12
N ASP A 26 10.76 -14.64 26.28
CA ASP A 26 10.39 -15.89 26.92
C ASP A 26 9.08 -16.50 26.39
N THR A 27 8.47 -15.90 25.33
CA THR A 27 7.29 -16.44 24.65
C THR A 27 7.72 -17.75 23.95
N LYS A 28 6.85 -18.76 23.92
CA LYS A 28 7.17 -20.05 23.30
C LYS A 28 7.14 -19.90 21.78
N PHE A 29 8.06 -20.59 21.10
CA PHE A 29 8.15 -20.61 19.65
C PHE A 29 7.92 -22.04 19.20
N LYS A 30 6.89 -22.27 18.39
CA LYS A 30 6.55 -23.59 17.87
C LYS A 30 7.63 -24.00 16.88
N THR A 31 8.29 -25.13 17.08
CA THR A 31 9.43 -25.52 16.27
C THR A 31 9.19 -26.60 15.24
N GLU A 32 7.94 -27.06 15.07
CA GLU A 32 7.63 -28.10 14.09
C GLU A 32 8.06 -27.74 12.66
N GLY A 33 7.84 -26.48 12.24
CA GLY A 33 8.23 -25.99 10.92
C GLY A 33 9.72 -26.02 10.66
N LEU A 34 10.54 -26.02 11.73
CA LEU A 34 12.00 -25.99 11.67
C LEU A 34 12.68 -27.38 11.69
N CYS A 35 11.95 -28.45 12.01
CA CYS A 35 12.57 -29.75 12.25
C CYS A 35 13.05 -30.54 10.99
N VAL A 36 12.74 -30.12 9.75
CA VAL A 36 13.29 -30.85 8.58
C VAL A 36 14.73 -30.34 8.34
N ASP A 37 14.96 -29.01 8.45
CA ASP A 37 16.32 -28.42 8.36
C ASP A 37 17.09 -28.63 9.66
N ILE A 38 16.40 -28.65 10.81
CA ILE A 38 17.02 -28.81 12.13
C ILE A 38 16.42 -30.03 12.86
N PRO A 39 16.80 -31.26 12.43
CA PRO A 39 16.26 -32.44 13.10
C PRO A 39 16.75 -32.55 14.54
N GLY A 40 15.85 -32.98 15.42
CA GLY A 40 16.15 -33.14 16.83
C GLY A 40 15.90 -31.87 17.64
N ILE A 41 15.38 -30.80 16.99
CA ILE A 41 15.10 -29.54 17.68
C ILE A 41 14.07 -29.76 18.81
N PRO A 42 14.28 -29.17 19.99
CA PRO A 42 13.30 -29.33 21.07
C PRO A 42 11.95 -28.76 20.71
N LYS A 43 10.90 -29.46 21.11
CA LYS A 43 9.54 -28.99 20.92
C LYS A 43 9.31 -27.76 21.84
N ASP A 44 9.90 -27.78 23.04
CA ASP A 44 9.84 -26.70 24.00
C ASP A 44 10.95 -25.73 23.63
N MET A 45 10.59 -24.50 23.25
CA MET A 45 11.59 -23.53 22.81
C MET A 45 11.10 -22.09 23.03
N THR A 46 11.97 -21.19 23.47
CA THR A 46 11.58 -19.77 23.62
C THR A 46 12.30 -18.95 22.55
N TYR A 47 11.90 -17.67 22.38
CA TYR A 47 12.60 -16.79 21.46
C TYR A 47 14.04 -16.58 21.94
N ARG A 48 14.26 -16.48 23.27
CA ARG A 48 15.56 -16.33 23.91
C ARG A 48 16.50 -17.46 23.46
N ARG A 49 16.03 -18.71 23.53
CA ARG A 49 16.85 -19.84 23.11
C ARG A 49 17.04 -19.90 21.60
N LEU A 50 16.00 -19.55 20.82
CA LEU A 50 16.07 -19.54 19.36
C LEU A 50 17.10 -18.51 18.90
N ILE A 51 17.05 -17.28 19.46
CA ILE A 51 17.97 -16.19 19.10
C ILE A 51 19.41 -16.58 19.43
N SER A 52 19.60 -17.23 20.58
CA SER A 52 20.91 -17.71 20.99
C SER A 52 21.44 -18.76 19.97
N MET A 53 20.56 -19.66 19.50
CA MET A 53 20.86 -20.70 18.52
C MET A 53 21.26 -20.08 17.15
N MET A 54 20.65 -18.92 16.82
CA MET A 54 20.96 -18.19 15.60
C MET A 54 22.32 -17.44 15.64
N GLY A 55 23.03 -17.51 16.77
CA GLY A 55 24.31 -16.87 16.92
C GLY A 55 24.27 -15.45 17.45
N PHE A 56 23.13 -15.02 18.01
CA PHE A 56 23.00 -13.65 18.50
C PHE A 56 23.02 -13.57 20.01
N LYS A 57 23.77 -12.60 20.54
CA LYS A 57 23.91 -12.42 21.99
C LYS A 57 23.22 -11.13 22.41
N MET A 58 22.14 -11.23 23.18
CA MET A 58 21.40 -10.05 23.62
C MET A 58 21.98 -9.46 24.95
N ASN A 59 22.77 -10.26 25.71
CA ASN A 59 23.47 -9.85 26.95
C ASN A 59 22.64 -9.03 27.95
N TYR A 60 21.30 -9.21 27.97
CA TYR A 60 20.35 -8.45 28.79
C TYR A 60 20.51 -6.95 28.46
N GLN A 61 19.80 -6.48 27.44
CA GLN A 61 19.94 -5.09 27.01
C GLN A 61 18.59 -4.32 26.90
N VAL A 62 18.49 -3.21 27.66
CA VAL A 62 17.30 -2.35 27.67
C VAL A 62 17.53 -1.10 26.81
N ASN A 63 17.89 -1.30 25.54
CA ASN A 63 18.21 -0.18 24.65
C ASN A 63 17.37 -0.13 23.35
N GLY A 64 16.06 -0.25 23.49
CA GLY A 64 15.13 -0.17 22.36
C GLY A 64 15.03 -1.37 21.43
N TYR A 65 15.80 -2.43 21.68
CA TYR A 65 15.75 -3.62 20.83
C TYR A 65 15.58 -4.86 21.74
N PRO A 66 14.40 -5.08 22.37
CA PRO A 66 14.27 -6.21 23.32
C PRO A 66 14.19 -7.59 22.69
N ASN A 67 13.80 -7.68 21.43
CA ASN A 67 13.65 -8.94 20.73
C ASN A 67 13.82 -8.70 19.20
N MET A 68 14.49 -9.62 18.48
CA MET A 68 14.60 -9.50 17.02
C MET A 68 13.22 -9.76 16.38
N PHE A 69 12.39 -10.58 17.02
CA PHE A 69 11.04 -10.97 16.62
C PHE A 69 9.99 -10.03 17.24
N ILE A 70 8.91 -9.79 16.48
CA ILE A 70 7.87 -8.86 16.91
C ILE A 70 6.48 -9.48 16.84
N THR A 71 5.52 -8.89 17.56
CA THR A 71 4.15 -9.32 17.57
C THR A 71 3.48 -8.99 16.22
N ARG A 72 2.36 -9.66 15.91
CA ARG A 72 1.55 -9.40 14.74
C ARG A 72 1.13 -7.92 14.70
N GLU A 73 0.74 -7.38 15.85
CA GLU A 73 0.31 -5.99 15.98
C GLU A 73 1.46 -5.01 15.63
N GLU A 74 2.68 -5.31 16.08
CA GLU A 74 3.83 -4.46 15.74
C GLU A 74 4.16 -4.59 14.24
N ALA A 75 4.01 -5.80 13.67
CA ALA A 75 4.23 -6.00 12.24
C ALA A 75 3.22 -5.18 11.43
N ILE A 76 1.93 -5.15 11.81
CA ILE A 76 0.89 -4.40 11.11
C ILE A 76 1.18 -2.90 11.16
N ARG A 77 1.64 -2.42 12.32
CA ARG A 77 2.05 -1.01 12.42
C ARG A 77 3.25 -0.70 11.50
N HIS A 78 4.07 -1.71 11.15
CA HIS A 78 5.24 -1.50 10.30
C HIS A 78 5.16 -2.26 8.94
N VAL A 79 3.94 -2.36 8.36
CA VAL A 79 3.74 -3.05 7.08
C VAL A 79 4.63 -2.49 5.95
N ARG A 80 4.93 -1.17 5.93
CA ARG A 80 5.81 -0.61 4.88
C ARG A 80 7.24 -1.20 4.90
N ALA A 81 7.65 -1.76 6.04
CA ALA A 81 8.96 -2.39 6.23
C ALA A 81 8.99 -3.87 5.83
N TRP A 82 7.84 -4.48 5.48
CA TRP A 82 7.82 -5.91 5.21
C TRP A 82 8.58 -6.33 3.97
N ILE A 83 9.44 -7.32 4.14
CA ILE A 83 10.22 -7.91 3.07
C ILE A 83 10.19 -9.39 3.34
N GLY A 84 9.51 -10.14 2.49
CA GLY A 84 9.47 -11.59 2.59
C GLY A 84 10.86 -12.13 2.33
N PHE A 85 11.28 -13.10 3.14
CA PHE A 85 12.61 -13.67 3.02
C PHE A 85 12.53 -15.21 3.12
N ASP A 86 13.19 -15.88 2.20
CA ASP A 86 13.24 -17.31 2.18
C ASP A 86 14.63 -17.79 1.79
N VAL A 87 15.11 -18.87 2.40
CA VAL A 87 16.39 -19.44 2.05
C VAL A 87 16.19 -20.91 1.70
N GLU A 88 16.67 -21.32 0.52
CA GLU A 88 16.57 -22.70 0.10
C GLU A 88 17.96 -23.31 0.03
N GLY A 89 18.12 -24.48 0.63
CA GLY A 89 19.41 -25.14 0.67
C GLY A 89 19.77 -25.86 -0.60
N CYS A 90 20.14 -25.08 -1.67
CA CYS A 90 20.56 -25.52 -3.01
C CYS A 90 21.15 -26.95 -3.06
N HIS A 91 22.17 -27.23 -2.24
CA HIS A 91 22.79 -28.55 -2.16
C HIS A 91 22.57 -29.15 -0.75
N GLY A 98 23.66 -25.26 5.10
CA GLY A 98 24.17 -26.21 6.07
C GLY A 98 25.69 -26.27 6.11
N THR A 99 26.33 -25.08 6.18
CA THR A 99 27.78 -24.83 6.24
C THR A 99 28.53 -25.22 4.96
N ASN A 100 28.50 -26.50 4.56
CA ASN A 100 29.23 -26.98 3.39
C ASN A 100 28.49 -26.83 2.06
N LEU A 101 27.24 -26.34 2.08
CA LEU A 101 26.46 -26.21 0.84
C LEU A 101 26.06 -24.77 0.50
N PRO A 102 25.86 -24.47 -0.80
CA PRO A 102 25.41 -23.13 -1.18
C PRO A 102 23.92 -22.91 -0.85
N LEU A 103 23.52 -21.67 -0.61
CA LEU A 103 22.15 -21.31 -0.25
C LEU A 103 21.56 -20.31 -1.23
N GLN A 104 20.29 -20.45 -1.58
CA GLN A 104 19.60 -19.48 -2.41
C GLN A 104 18.79 -18.57 -1.49
N LEU A 105 19.12 -17.29 -1.50
CA LEU A 105 18.52 -16.25 -0.68
C LEU A 105 17.47 -15.56 -1.55
N GLY A 106 16.20 -15.67 -1.17
CA GLY A 106 15.11 -15.09 -1.92
C GLY A 106 14.41 -13.98 -1.17
N PHE A 107 14.08 -12.92 -1.87
CA PHE A 107 13.40 -11.76 -1.28
C PHE A 107 12.12 -11.43 -2.04
N SER A 108 11.13 -10.85 -1.33
CA SER A 108 9.87 -10.49 -1.98
C SER A 108 10.01 -9.34 -3.01
N THR A 109 11.22 -8.78 -3.16
CA THR A 109 11.53 -7.85 -4.24
C THR A 109 11.75 -8.64 -5.58
N GLY A 110 11.74 -9.97 -5.54
CA GLY A 110 11.96 -10.81 -6.73
C GLY A 110 13.42 -11.20 -6.91
N VAL A 111 14.30 -10.74 -6.02
CA VAL A 111 15.73 -11.03 -6.10
C VAL A 111 16.13 -12.39 -5.49
N ASN A 112 16.97 -13.16 -6.22
CA ASN A 112 17.55 -14.41 -5.72
C ASN A 112 19.05 -14.24 -5.73
N LEU A 113 19.68 -14.38 -4.57
CA LEU A 113 21.14 -14.31 -4.47
C LEU A 113 21.65 -15.70 -4.08
N VAL A 114 22.79 -16.13 -4.61
CA VAL A 114 23.34 -17.43 -4.23
C VAL A 114 24.61 -17.20 -3.41
N ALA A 115 24.60 -17.65 -2.15
CA ALA A 115 25.77 -17.52 -1.30
C ALA A 115 26.53 -18.87 -1.24
N VAL A 116 27.84 -18.83 -1.50
CA VAL A 116 28.70 -20.00 -1.43
C VAL A 116 29.63 -19.85 -0.23
N PRO A 117 29.83 -20.93 0.53
CA PRO A 117 30.73 -20.83 1.71
C PRO A 117 32.23 -20.84 1.34
N THR A 118 32.55 -21.37 0.14
CA THR A 118 33.87 -21.53 -0.50
C THR A 118 35.07 -21.22 0.41
N PRO A 147 12.12 -12.76 -9.94
CA PRO A 147 12.75 -13.78 -10.79
C PRO A 147 14.19 -13.44 -11.20
N LEU A 148 14.84 -12.52 -10.48
CA LEU A 148 16.22 -12.11 -10.81
C LEU A 148 17.24 -13.01 -10.13
N MET A 149 17.67 -14.06 -10.85
CA MET A 149 18.64 -15.06 -10.38
C MET A 149 20.10 -14.66 -10.62
N TYR A 150 20.93 -14.65 -9.55
CA TYR A 150 22.36 -14.31 -9.64
C TYR A 150 23.22 -15.55 -9.30
N LYS A 151 24.43 -15.67 -9.87
CA LYS A 151 25.33 -16.82 -9.66
C LYS A 151 26.05 -16.78 -8.29
N GLY A 152 26.48 -17.96 -7.81
CA GLY A 152 27.14 -18.17 -6.52
C GLY A 152 28.32 -17.29 -6.16
N LEU A 153 28.21 -16.56 -5.05
CA LEU A 153 29.26 -15.65 -4.59
C LEU A 153 29.45 -15.76 -3.10
N PRO A 154 30.67 -15.51 -2.55
CA PRO A 154 30.82 -15.60 -1.09
C PRO A 154 30.01 -14.56 -0.33
N TRP A 155 29.74 -14.84 0.93
CA TRP A 155 28.94 -14.00 1.81
C TRP A 155 29.43 -12.57 1.94
N ASN A 156 30.76 -12.34 1.89
CA ASN A 156 31.33 -11.00 2.01
C ASN A 156 30.87 -10.07 0.90
N VAL A 157 30.56 -10.62 -0.29
CA VAL A 157 30.03 -9.77 -1.37
C VAL A 157 28.50 -9.83 -1.34
N VAL A 158 27.91 -11.01 -1.09
CA VAL A 158 26.45 -11.16 -0.98
C VAL A 158 25.82 -10.12 0.00
N ARG A 159 26.44 -9.93 1.18
CA ARG A 159 25.94 -9.01 2.19
C ARG A 159 25.92 -7.53 1.75
N ILE A 160 26.86 -7.13 0.86
CA ILE A 160 26.89 -5.77 0.31
C ILE A 160 25.64 -5.58 -0.58
N LYS A 161 25.28 -6.62 -1.35
CA LYS A 161 24.12 -6.60 -2.24
C LYS A 161 22.82 -6.50 -1.45
N ILE A 162 22.72 -7.23 -0.31
CA ILE A 162 21.55 -7.25 0.58
C ILE A 162 21.33 -5.86 1.15
N VAL A 163 22.40 -5.21 1.61
CA VAL A 163 22.28 -3.83 2.13
C VAL A 163 21.81 -2.86 1.03
N GLN A 164 22.40 -2.92 -0.18
CA GLN A 164 21.99 -2.06 -1.30
C GLN A 164 20.51 -2.23 -1.63
N MET A 165 20.08 -3.49 -1.78
CA MET A 165 18.73 -3.82 -2.18
C MET A 165 17.68 -3.33 -1.15
N LEU A 166 17.90 -3.63 0.15
CA LEU A 166 16.98 -3.20 1.21
C LEU A 166 16.93 -1.69 1.31
N SER A 167 18.10 -1.02 1.27
CA SER A 167 18.18 0.43 1.32
C SER A 167 17.39 1.10 0.20
N ASP A 168 17.54 0.62 -1.06
CA ASP A 168 16.83 1.21 -2.19
C ASP A 168 15.34 0.94 -2.15
N THR A 169 14.95 -0.25 -1.67
CA THR A 169 13.56 -0.63 -1.58
C THR A 169 12.85 0.12 -0.44
N LEU A 170 13.53 0.30 0.70
CA LEU A 170 12.91 0.87 1.90
C LEU A 170 13.19 2.31 2.27
N LYS A 171 14.19 3.02 1.69
CA LYS A 171 14.50 4.38 2.15
C LYS A 171 13.31 5.36 2.15
N ASN A 172 12.41 5.25 1.17
CA ASN A 172 11.26 6.14 1.11
C ASN A 172 9.98 5.52 1.74
N LEU A 173 10.09 4.33 2.36
CA LEU A 173 8.93 3.67 2.92
C LEU A 173 8.94 3.61 4.42
N SER A 174 10.11 3.26 4.99
CA SER A 174 10.17 2.96 6.41
C SER A 174 11.51 3.25 7.08
N ASP A 175 11.49 3.37 8.41
CA ASP A 175 12.68 3.52 9.24
C ASP A 175 13.32 2.17 9.61
N ARG A 176 12.77 1.03 9.11
CA ARG A 176 13.30 -0.28 9.46
C ARG A 176 12.99 -1.33 8.36
N VAL A 177 13.37 -2.59 8.60
CA VAL A 177 13.02 -3.75 7.80
C VAL A 177 12.35 -4.76 8.73
N VAL A 178 11.33 -5.49 8.24
CA VAL A 178 10.64 -6.57 8.94
C VAL A 178 10.72 -7.76 8.01
N PHE A 179 11.55 -8.77 8.33
CA PHE A 179 11.66 -9.94 7.49
C PHE A 179 10.45 -10.84 7.77
N VAL A 180 9.64 -11.07 6.74
CA VAL A 180 8.44 -11.88 6.88
C VAL A 180 8.83 -13.30 6.47
N LEU A 181 8.80 -14.23 7.42
CA LEU A 181 9.23 -15.59 7.21
C LEU A 181 8.10 -16.65 7.27
N TRP A 182 8.33 -17.79 6.61
CA TRP A 182 7.58 -19.04 6.73
C TRP A 182 8.76 -19.97 7.11
N ALA A 183 9.23 -19.82 8.37
CA ALA A 183 10.46 -20.41 8.85
C ALA A 183 10.57 -21.94 8.85
N HIS A 184 11.60 -22.43 8.14
CA HIS A 184 11.96 -23.84 8.13
C HIS A 184 13.36 -24.12 8.73
N GLY A 185 14.16 -23.09 9.00
CA GLY A 185 15.47 -23.28 9.63
C GLY A 185 16.64 -22.56 8.98
N PHE A 186 16.92 -22.81 7.68
CA PHE A 186 18.07 -22.15 7.02
C PHE A 186 18.04 -20.62 6.97
N GLU A 187 16.84 -20.00 6.93
CA GLU A 187 16.77 -18.53 6.87
C GLU A 187 17.24 -17.92 8.19
N LEU A 188 16.88 -18.57 9.31
CA LEU A 188 17.26 -18.14 10.66
C LEU A 188 18.74 -18.35 10.90
N THR A 189 19.29 -19.50 10.48
CA THR A 189 20.70 -19.78 10.68
C THR A 189 21.62 -19.03 9.68
N SER A 190 21.06 -18.48 8.59
CA SER A 190 21.85 -17.71 7.65
C SER A 190 21.93 -16.22 8.06
N MET A 191 21.05 -15.76 8.95
CA MET A 191 21.00 -14.37 9.36
C MET A 191 22.30 -13.82 9.92
N LYS A 192 23.07 -14.64 10.65
CA LYS A 192 24.36 -14.25 11.23
C LYS A 192 25.41 -13.85 10.17
N TYR A 193 25.20 -14.23 8.91
CA TYR A 193 26.14 -13.92 7.86
C TYR A 193 25.93 -12.52 7.25
N PHE A 194 24.82 -11.83 7.59
CA PHE A 194 24.57 -10.51 7.05
C PHE A 194 23.90 -9.55 8.03
N VAL A 195 23.63 -9.97 9.27
CA VAL A 195 22.97 -9.16 10.29
C VAL A 195 23.89 -8.95 11.52
N LYS A 196 23.93 -7.69 12.03
CA LYS A 196 24.57 -7.36 13.29
C LYS A 196 23.49 -6.75 14.18
N ILE A 197 23.61 -6.96 15.49
CA ILE A 197 22.65 -6.41 16.43
C ILE A 197 23.36 -5.68 17.58
N GLY A 198 22.63 -4.83 18.26
CA GLY A 198 23.15 -4.08 19.39
C GLY A 198 22.11 -3.09 19.87
N PRO A 199 22.57 -2.08 20.62
CA PRO A 199 21.64 -1.03 21.07
C PRO A 199 21.12 -0.19 19.89
N GLU A 200 19.96 0.45 20.08
CA GLU A 200 19.42 1.35 19.07
C GLU A 200 20.39 2.52 18.84
N ARG A 201 20.61 2.86 17.56
CA ARG A 201 21.57 3.89 17.18
C ARG A 201 21.01 4.86 16.15
N THR A 202 21.75 5.97 15.92
CA THR A 202 21.36 6.92 14.89
C THR A 202 22.36 6.90 13.75
N CYS A 203 21.93 7.37 12.59
CA CYS A 203 22.77 7.47 11.40
C CYS A 203 23.97 8.40 11.66
N CYS A 204 25.11 8.10 11.03
CA CYS A 204 26.31 8.91 11.15
C CYS A 204 26.16 10.24 10.40
N LEU A 205 25.28 10.31 9.39
CA LEU A 205 25.03 11.47 8.54
C LEU A 205 23.70 12.19 8.81
N CYS A 206 22.78 11.61 9.60
CA CYS A 206 21.50 12.28 9.92
C CYS A 206 20.88 11.79 11.27
N ASP A 207 19.69 12.27 11.62
CA ASP A 207 19.01 11.92 12.88
C ASP A 207 18.14 10.66 12.79
N ARG A 208 18.05 10.03 11.62
CA ARG A 208 17.23 8.82 11.49
C ARG A 208 17.86 7.65 12.23
N ARG A 209 17.04 6.66 12.65
CA ARG A 209 17.57 5.47 13.30
C ARG A 209 18.43 4.69 12.29
N ALA A 210 19.46 4.02 12.83
CA ALA A 210 20.44 3.23 12.10
C ALA A 210 19.83 1.87 11.71
N THR A 211 19.97 1.53 10.44
CA THR A 211 19.50 0.26 9.90
C THR A 211 20.64 -0.57 9.28
N CYS A 212 21.84 0.01 9.10
CA CYS A 212 23.00 -0.61 8.44
C CYS A 212 24.29 -0.34 9.24
N PHE A 213 25.28 -1.20 9.04
CA PHE A 213 26.57 -1.08 9.69
C PHE A 213 27.67 -1.39 8.68
N SER A 214 28.78 -0.68 8.81
CA SER A 214 29.92 -0.91 7.94
C SER A 214 31.12 -1.36 8.77
N THR A 215 31.69 -2.52 8.43
CA THR A 215 32.90 -3.03 9.10
C THR A 215 34.12 -2.23 8.64
N ALA A 216 34.12 -1.74 7.39
CA ALA A 216 35.22 -0.97 6.83
C ALA A 216 35.47 0.32 7.61
N SER A 217 34.40 1.05 7.95
CA SER A 217 34.54 2.32 8.66
C SER A 217 34.16 2.27 10.15
N ASP A 218 33.49 1.20 10.61
CA ASP A 218 33.04 1.10 12.02
C ASP A 218 31.94 2.15 12.32
N THR A 219 31.06 2.44 11.32
CA THR A 219 30.00 3.43 11.49
C THR A 219 28.60 2.85 11.15
N TYR A 220 27.53 3.61 11.48
CA TYR A 220 26.14 3.20 11.27
C TYR A 220 25.40 4.18 10.38
N ALA A 221 24.47 3.67 9.57
CA ALA A 221 23.69 4.52 8.67
C ALA A 221 22.23 4.11 8.59
N CYS A 222 21.37 5.05 8.19
CA CYS A 222 19.97 4.78 7.89
C CYS A 222 19.93 4.21 6.41
N TRP A 223 18.73 4.00 5.84
CA TRP A 223 18.62 3.48 4.47
C TRP A 223 19.10 4.53 3.44
N HIS A 224 19.02 5.85 3.77
CA HIS A 224 19.43 6.90 2.83
C HIS A 224 20.93 7.09 2.70
N HIS A 225 21.73 6.69 3.71
CA HIS A 225 23.17 6.97 3.74
C HIS A 225 24.06 5.74 3.84
N SER A 226 23.56 4.59 3.39
CA SER A 226 24.27 3.33 3.56
C SER A 226 25.09 2.84 2.38
N ILE A 227 25.37 3.68 1.36
CA ILE A 227 26.16 3.22 0.21
C ILE A 227 27.53 2.66 0.66
N GLY A 228 27.82 1.43 0.23
CA GLY A 228 29.06 0.78 0.64
C GLY A 228 29.02 0.09 2.00
N PHE A 229 27.85 0.08 2.68
CA PHE A 229 27.74 -0.62 3.97
C PHE A 229 27.51 -2.12 3.71
N ASP A 230 27.98 -2.98 4.63
CA ASP A 230 27.94 -4.43 4.43
C ASP A 230 27.01 -5.22 5.36
N TYR A 231 26.51 -4.65 6.48
CA TYR A 231 25.65 -5.42 7.39
C TYR A 231 24.30 -4.76 7.66
N VAL A 232 23.25 -5.57 7.80
CA VAL A 232 21.92 -5.12 8.18
C VAL A 232 21.99 -5.01 9.70
N TYR A 233 21.62 -3.85 10.24
CA TYR A 233 21.71 -3.60 11.67
C TYR A 233 20.34 -3.51 12.33
N ASN A 234 20.13 -4.32 13.41
CA ASN A 234 18.88 -4.37 14.17
C ASN A 234 17.62 -4.54 13.30
N PRO A 235 17.61 -5.57 12.42
CA PRO A 235 16.39 -5.83 11.67
C PRO A 235 15.35 -6.49 12.58
N PHE A 236 14.09 -6.45 12.17
CA PHE A 236 13.03 -7.17 12.87
C PHE A 236 12.55 -8.29 11.96
N MET A 237 11.85 -9.26 12.53
CA MET A 237 11.36 -10.42 11.82
C MET A 237 10.14 -11.02 12.48
N ILE A 238 9.34 -11.71 11.69
CA ILE A 238 8.12 -12.35 12.14
C ILE A 238 7.96 -13.69 11.39
N ASP A 239 7.61 -14.75 12.12
CA ASP A 239 7.42 -16.06 11.51
C ASP A 239 5.93 -16.32 11.38
N VAL A 240 5.45 -16.27 10.12
CA VAL A 240 4.04 -16.49 9.74
C VAL A 240 3.56 -17.85 10.22
N GLN A 241 4.44 -18.86 10.21
CA GLN A 241 4.09 -20.18 10.72
C GLN A 241 3.64 -20.17 12.16
N GLN A 242 4.05 -19.18 12.96
CA GLN A 242 3.62 -19.10 14.37
C GLN A 242 2.14 -18.76 14.55
N TRP A 243 1.44 -18.38 13.48
CA TRP A 243 0.05 -17.95 13.57
C TRP A 243 -1.00 -19.07 13.55
N GLY A 244 -0.56 -20.32 13.49
CA GLY A 244 -1.49 -21.44 13.50
C GLY A 244 -1.99 -21.75 12.12
N PHE A 245 -1.22 -22.55 11.38
CA PHE A 245 -1.61 -22.91 10.03
C PHE A 245 -1.52 -24.41 9.85
N THR A 246 -2.41 -24.97 9.05
CA THR A 246 -2.38 -26.39 8.73
C THR A 246 -1.83 -26.45 7.32
N GLY A 247 -0.85 -27.32 7.11
CA GLY A 247 -0.26 -27.48 5.78
C GLY A 247 0.82 -26.46 5.47
N ASN A 248 1.44 -26.63 4.30
CA ASN A 248 2.56 -25.84 3.85
C ASN A 248 2.17 -24.44 3.32
N LEU A 249 3.18 -23.62 3.03
CA LEU A 249 3.04 -22.28 2.52
C LEU A 249 2.20 -22.24 1.25
N GLN A 250 2.55 -23.03 0.20
CA GLN A 250 1.81 -22.94 -1.06
C GLN A 250 0.32 -23.22 -0.88
N SER A 251 -0.05 -24.30 -0.15
CA SER A 251 -1.47 -24.63 0.03
C SER A 251 -2.27 -23.54 0.76
N ASN A 252 -1.67 -22.83 1.71
CA ASN A 252 -2.36 -21.76 2.43
C ASN A 252 -2.43 -20.48 1.58
N HIS A 253 -1.34 -20.19 0.86
CA HIS A 253 -1.28 -19.01 0.00
C HIS A 253 -2.34 -19.12 -1.12
N ASP A 254 -2.35 -20.27 -1.85
CA ASP A 254 -3.25 -20.53 -2.98
C ASP A 254 -4.73 -20.53 -2.65
N LEU A 255 -5.08 -20.63 -1.38
CA LEU A 255 -6.46 -20.54 -0.93
C LEU A 255 -7.05 -19.14 -1.19
N TYR A 256 -6.19 -18.09 -1.21
CA TYR A 256 -6.61 -16.71 -1.35
C TYR A 256 -6.01 -15.97 -2.55
N CYS A 257 -4.99 -16.53 -3.20
CA CYS A 257 -4.32 -15.83 -4.28
C CYS A 257 -3.93 -16.72 -5.44
N GLN A 258 -4.29 -16.29 -6.66
CA GLN A 258 -3.96 -16.98 -7.91
C GLN A 258 -2.98 -16.18 -8.79
N VAL A 259 -2.47 -15.04 -8.31
CA VAL A 259 -1.56 -14.18 -9.05
C VAL A 259 -0.09 -14.58 -8.84
N HIS A 260 0.25 -15.10 -7.65
CA HIS A 260 1.61 -15.53 -7.37
C HIS A 260 1.75 -17.02 -7.57
N GLY A 261 2.59 -17.42 -8.51
CA GLY A 261 2.82 -18.83 -8.79
C GLY A 261 3.98 -19.39 -7.98
N ASN A 262 4.43 -20.59 -8.35
CA ASN A 262 5.57 -21.19 -7.66
C ASN A 262 6.60 -21.69 -8.64
N ALA A 263 7.47 -20.80 -9.14
CA ALA A 263 8.55 -21.24 -10.03
C ALA A 263 9.66 -22.02 -9.31
N HIS A 264 9.42 -22.44 -8.04
CA HIS A 264 10.27 -23.23 -7.14
C HIS A 264 11.60 -22.55 -6.73
N VAL A 265 11.69 -21.22 -6.92
CA VAL A 265 12.84 -20.47 -6.44
C VAL A 265 12.48 -19.81 -5.10
N ALA A 266 13.50 -19.50 -4.31
CA ALA A 266 13.36 -18.88 -3.01
C ALA A 266 12.58 -17.55 -3.06
N SER A 267 12.72 -16.72 -4.12
CA SER A 267 11.99 -15.46 -4.20
C SER A 267 10.48 -15.68 -4.37
N CYS A 268 10.06 -16.78 -5.00
CA CYS A 268 8.63 -17.14 -5.15
C CYS A 268 8.03 -17.42 -3.76
N ASP A 269 8.77 -18.15 -2.92
CA ASP A 269 8.32 -18.43 -1.55
C ASP A 269 8.27 -17.15 -0.72
N ALA A 270 9.26 -16.25 -0.90
CA ALA A 270 9.32 -14.99 -0.19
C ALA A 270 8.11 -14.10 -0.52
N ILE A 271 7.73 -14.06 -1.81
CA ILE A 271 6.59 -13.33 -2.32
C ILE A 271 5.27 -13.91 -1.76
N MET A 272 5.13 -15.25 -1.84
CA MET A 272 3.96 -15.95 -1.31
C MET A 272 3.80 -15.71 0.20
N THR A 273 4.92 -15.72 0.97
CA THR A 273 4.94 -15.50 2.42
C THR A 273 4.40 -14.10 2.77
N ARG A 274 4.94 -13.04 2.15
CA ARG A 274 4.49 -11.68 2.40
C ARG A 274 3.03 -11.53 1.93
N CYS A 275 2.65 -12.14 0.78
CA CYS A 275 1.28 -12.14 0.30
C CYS A 275 0.32 -12.71 1.33
N LEU A 276 0.65 -13.90 1.89
CA LEU A 276 -0.21 -14.57 2.86
C LEU A 276 -0.32 -13.72 4.14
N ALA A 277 0.81 -13.11 4.58
CA ALA A 277 0.81 -12.23 5.75
C ALA A 277 -0.16 -11.04 5.55
N VAL A 278 -0.11 -10.41 4.34
CA VAL A 278 -0.98 -9.28 3.98
C VAL A 278 -2.46 -9.72 3.98
N HIS A 279 -2.77 -10.91 3.47
CA HIS A 279 -4.15 -11.41 3.49
C HIS A 279 -4.66 -11.54 4.94
N GLU A 280 -3.82 -12.10 5.82
CA GLU A 280 -4.20 -12.29 7.21
C GLU A 280 -4.39 -11.01 7.99
N CYS A 281 -3.55 -10.02 7.71
CA CYS A 281 -3.54 -8.79 8.48
C CYS A 281 -4.33 -7.64 7.88
N PHE A 282 -4.62 -7.68 6.57
CA PHE A 282 -5.31 -6.57 5.92
C PHE A 282 -6.51 -6.99 5.07
N VAL A 283 -6.64 -8.28 4.75
CA VAL A 283 -7.78 -8.71 3.93
C VAL A 283 -8.88 -9.30 4.83
N LYS A 284 -8.60 -10.42 5.51
CA LYS A 284 -9.58 -11.05 6.38
C LYS A 284 -9.74 -10.33 7.73
N ARG A 285 -8.70 -9.61 8.17
CA ARG A 285 -8.75 -8.82 9.39
C ARG A 285 -8.49 -7.37 8.97
N VAL A 286 -9.36 -6.44 9.38
CA VAL A 286 -9.16 -5.03 9.02
C VAL A 286 -9.14 -4.16 10.26
N ASP A 287 -8.22 -3.20 10.30
CA ASP A 287 -8.17 -2.26 11.40
C ASP A 287 -7.95 -0.86 10.86
N TRP A 288 -9.03 -0.07 10.71
CA TRP A 288 -8.89 1.30 10.22
C TRP A 288 -8.52 2.30 11.35
N THR A 289 -8.34 1.82 12.60
CA THR A 289 -7.93 2.71 13.69
C THR A 289 -6.40 2.87 13.77
N ILE A 290 -5.63 2.12 12.97
CA ILE A 290 -4.19 2.21 12.98
C ILE A 290 -3.77 3.34 12.06
N GLU A 291 -3.06 4.30 12.63
CA GLU A 291 -2.52 5.47 11.95
C GLU A 291 -1.13 5.13 11.41
N TYR A 292 -0.79 5.63 10.23
CA TYR A 292 0.54 5.40 9.63
C TYR A 292 1.20 6.75 9.39
N PRO A 293 2.53 6.87 9.56
CA PRO A 293 3.18 8.17 9.35
C PRO A 293 3.12 8.72 7.92
N ILE A 294 3.37 10.04 7.78
CA ILE A 294 3.39 10.71 6.49
C ILE A 294 4.73 10.47 5.83
N ILE A 295 4.76 9.81 4.69
CA ILE A 295 6.01 9.54 3.99
C ILE A 295 6.11 10.22 2.60
N GLY A 296 5.03 10.84 2.14
CA GLY A 296 5.02 11.48 0.84
C GLY A 296 3.98 12.59 0.69
N ASP A 297 3.22 12.51 -0.40
CA ASP A 297 2.22 13.53 -0.74
C ASP A 297 0.85 13.24 -0.15
N GLU A 298 0.76 12.48 0.96
CA GLU A 298 -0.53 12.16 1.58
C GLU A 298 -1.50 13.34 1.71
N LEU A 299 -1.06 14.44 2.36
CA LEU A 299 -1.92 15.59 2.57
C LEU A 299 -2.40 16.25 1.28
N LYS A 300 -1.51 16.42 0.29
CA LYS A 300 -1.88 17.03 -0.98
C LYS A 300 -2.84 16.14 -1.75
N ILE A 301 -2.62 14.81 -1.75
CA ILE A 301 -3.48 13.86 -2.44
C ILE A 301 -4.89 13.89 -1.84
N ASN A 302 -4.97 13.86 -0.51
CA ASN A 302 -6.26 13.85 0.17
C ASN A 302 -7.04 15.15 -0.06
N ALA A 303 -6.32 16.28 -0.11
CA ALA A 303 -6.95 17.58 -0.37
C ALA A 303 -7.43 17.64 -1.82
N ALA A 304 -6.62 17.12 -2.74
CA ALA A 304 -6.95 17.04 -4.15
C ALA A 304 -8.20 16.21 -4.36
N CYS A 305 -8.31 15.07 -3.70
CA CYS A 305 -9.47 14.18 -3.80
C CYS A 305 -10.75 14.89 -3.41
N ARG A 306 -10.71 15.69 -2.32
CA ARG A 306 -11.85 16.47 -1.87
C ARG A 306 -12.21 17.58 -2.90
N LYS A 307 -11.19 18.25 -3.51
CA LYS A 307 -11.44 19.31 -4.50
C LYS A 307 -12.05 18.74 -5.75
N VAL A 308 -11.50 17.62 -6.25
CA VAL A 308 -11.98 16.95 -7.47
C VAL A 308 -13.41 16.44 -7.30
N GLN A 309 -13.70 15.80 -6.17
CA GLN A 309 -15.03 15.28 -5.90
C GLN A 309 -16.11 16.35 -5.94
N HIS A 310 -15.87 17.47 -5.25
CA HIS A 310 -16.80 18.61 -5.23
C HIS A 310 -17.02 19.14 -6.66
N MET A 311 -15.92 19.36 -7.41
CA MET A 311 -15.93 19.87 -8.77
C MET A 311 -16.77 19.00 -9.72
N VAL A 312 -16.48 17.69 -9.73
CA VAL A 312 -17.13 16.76 -10.62
C VAL A 312 -18.59 16.55 -10.31
N VAL A 313 -18.92 16.39 -9.02
CA VAL A 313 -20.30 16.16 -8.63
C VAL A 313 -21.12 17.43 -8.87
N LYS A 314 -20.59 18.60 -8.50
CA LYS A 314 -21.29 19.88 -8.71
C LYS A 314 -21.60 20.09 -10.20
N ALA A 315 -20.62 19.81 -11.06
CA ALA A 315 -20.78 19.95 -12.50
C ALA A 315 -21.79 18.96 -13.06
N ALA A 316 -21.79 17.70 -12.58
CA ALA A 316 -22.75 16.71 -13.07
C ALA A 316 -24.20 17.13 -12.72
N LEU A 317 -24.38 17.65 -11.50
CA LEU A 317 -25.69 18.10 -11.05
C LEU A 317 -26.17 19.31 -11.86
N LEU A 318 -25.27 20.24 -12.22
CA LEU A 318 -25.63 21.41 -13.01
C LEU A 318 -25.90 21.05 -14.48
N ALA A 319 -25.10 20.16 -15.06
CA ALA A 319 -25.25 19.79 -16.46
C ALA A 319 -26.49 18.94 -16.75
N ASP A 320 -26.79 17.98 -15.86
CA ASP A 320 -27.91 17.07 -16.09
C ASP A 320 -29.06 17.19 -15.12
N LYS A 321 -28.94 18.04 -14.11
CA LYS A 321 -30.03 18.34 -13.16
C LYS A 321 -30.77 17.11 -12.65
N PHE A 322 -30.03 16.11 -12.12
CA PHE A 322 -30.66 14.92 -11.55
C PHE A 322 -31.47 15.31 -10.33
N PRO A 323 -32.70 14.80 -10.17
CA PRO A 323 -33.49 15.16 -8.97
C PRO A 323 -33.01 14.48 -7.67
N VAL A 324 -32.35 13.32 -7.79
CA VAL A 324 -31.88 12.56 -6.64
C VAL A 324 -30.47 11.98 -6.90
N LEU A 325 -29.61 12.00 -5.87
CA LEU A 325 -28.25 11.46 -5.93
C LEU A 325 -28.15 10.34 -4.86
N HIS A 326 -27.73 9.14 -5.27
CA HIS A 326 -27.54 7.99 -4.36
C HIS A 326 -26.04 7.91 -4.02
N ASP A 327 -25.65 8.36 -2.82
CA ASP A 327 -24.27 8.41 -2.39
C ASP A 327 -23.89 7.09 -1.70
N ILE A 328 -23.23 6.19 -2.44
CA ILE A 328 -22.92 4.86 -1.94
C ILE A 328 -21.48 4.68 -1.49
N GLY A 329 -21.30 4.35 -0.23
CA GLY A 329 -19.96 4.11 0.30
C GLY A 329 -19.81 4.48 1.73
N ASN A 330 -18.70 5.17 2.05
CA ASN A 330 -18.34 5.58 3.42
C ASN A 330 -19.53 5.90 4.36
N PRO A 331 -19.83 5.06 5.38
CA PRO A 331 -20.95 5.39 6.28
C PRO A 331 -20.80 6.75 7.01
N LYS A 332 -19.58 7.30 7.01
CA LYS A 332 -19.25 8.59 7.63
C LYS A 332 -19.28 9.79 6.64
N ALA A 333 -19.60 9.54 5.35
CA ALA A 333 -19.63 10.58 4.32
C ALA A 333 -20.59 11.72 4.58
N ILE A 334 -20.15 12.90 4.15
CA ILE A 334 -20.90 14.16 4.22
C ILE A 334 -21.17 14.59 2.75
N LYS A 335 -22.14 15.48 2.50
CA LYS A 335 -22.45 15.95 1.15
C LYS A 335 -21.23 16.70 0.56
N CYS A 336 -20.70 16.24 -0.58
CA CYS A 336 -19.55 16.92 -1.19
C CYS A 336 -19.92 18.25 -1.86
N VAL A 337 -21.21 18.43 -2.23
CA VAL A 337 -21.76 19.67 -2.82
C VAL A 337 -22.95 20.11 -1.93
N PRO A 338 -22.66 20.68 -0.74
CA PRO A 338 -23.73 21.07 0.21
C PRO A 338 -24.82 22.02 -0.28
N GLN A 339 -24.50 22.91 -1.23
CA GLN A 339 -25.48 23.88 -1.70
C GLN A 339 -26.35 23.38 -2.85
N ALA A 340 -26.07 22.19 -3.41
CA ALA A 340 -26.83 21.65 -4.55
C ALA A 340 -28.31 21.38 -4.26
N ASP A 341 -29.18 21.54 -5.28
CA ASP A 341 -30.63 21.39 -5.14
C ASP A 341 -31.09 19.99 -4.73
N VAL A 342 -30.57 18.98 -5.40
CA VAL A 342 -30.79 17.53 -5.32
C VAL A 342 -31.18 16.92 -3.93
N GLU A 343 -31.97 15.85 -3.99
CA GLU A 343 -32.33 15.06 -2.81
C GLU A 343 -31.14 14.12 -2.60
N TRP A 344 -30.34 14.39 -1.58
CA TRP A 344 -29.15 13.60 -1.30
C TRP A 344 -29.47 12.41 -0.38
N LYS A 345 -29.27 11.18 -0.88
CA LYS A 345 -29.56 9.96 -0.12
C LYS A 345 -28.28 9.14 0.08
N PHE A 346 -27.90 8.84 1.33
CA PHE A 346 -26.70 8.04 1.65
C PHE A 346 -27.01 6.55 1.89
N TYR A 347 -26.06 5.68 1.52
CA TYR A 347 -26.12 4.23 1.65
C TYR A 347 -24.77 3.80 2.18
N ASP A 348 -24.76 2.99 3.24
CA ASP A 348 -23.52 2.60 3.91
C ASP A 348 -22.90 1.35 3.36
N ALA A 349 -21.64 1.44 3.03
CA ALA A 349 -20.85 0.31 2.61
C ALA A 349 -19.43 0.62 2.98
N GLN A 350 -18.83 -0.23 3.79
CA GLN A 350 -17.44 -0.07 4.20
C GLN A 350 -16.52 -0.39 3.00
N PRO A 351 -15.27 0.12 2.98
CA PRO A 351 -14.36 -0.22 1.89
C PRO A 351 -14.17 -1.72 1.78
N CYS A 352 -14.36 -2.30 0.59
CA CYS A 352 -14.19 -3.74 0.44
C CYS A 352 -12.71 -4.02 0.30
N SER A 353 -12.20 -4.93 1.12
CA SER A 353 -10.77 -5.25 1.07
C SER A 353 -10.43 -6.56 0.39
N ASP A 354 -11.43 -7.43 0.15
CA ASP A 354 -11.20 -8.71 -0.47
C ASP A 354 -11.59 -8.70 -1.96
N LYS A 355 -12.86 -8.99 -2.28
CA LYS A 355 -13.35 -8.94 -3.65
C LYS A 355 -14.18 -7.67 -3.80
N ALA A 356 -14.29 -7.13 -5.03
CA ALA A 356 -15.14 -5.95 -5.26
C ALA A 356 -16.60 -6.33 -4.97
N TYR A 357 -17.41 -5.39 -4.48
CA TYR A 357 -18.81 -5.65 -4.20
C TYR A 357 -19.56 -6.05 -5.46
N LYS A 358 -20.50 -6.99 -5.35
CA LYS A 358 -21.38 -7.32 -6.48
C LYS A 358 -22.42 -6.20 -6.45
N ILE A 359 -22.67 -5.52 -7.57
CA ILE A 359 -23.65 -4.42 -7.62
C ILE A 359 -25.06 -4.88 -7.11
N GLU A 360 -25.40 -6.14 -7.38
CA GLU A 360 -26.67 -6.72 -6.99
C GLU A 360 -26.77 -6.82 -5.45
N GLU A 361 -25.65 -7.07 -4.74
CA GLU A 361 -25.69 -7.16 -3.29
C GLU A 361 -25.81 -5.78 -2.64
N LEU A 362 -25.29 -4.73 -3.29
CA LEU A 362 -25.41 -3.35 -2.80
C LEU A 362 -26.86 -2.81 -2.87
N PHE A 363 -27.70 -3.42 -3.71
CA PHE A 363 -29.10 -3.06 -3.85
C PHE A 363 -30.04 -4.09 -3.20
N TYR A 364 -29.50 -5.19 -2.64
CA TYR A 364 -30.24 -6.27 -1.99
C TYR A 364 -30.89 -5.80 -0.69
N SER A 365 -32.22 -5.90 -0.63
CA SER A 365 -33.06 -5.38 0.43
C SER A 365 -33.89 -6.39 1.20
N TYR A 366 -33.58 -7.69 1.08
CA TYR A 366 -34.29 -8.75 1.78
C TYR A 366 -35.83 -8.72 1.49
N ALA A 367 -36.71 -8.77 2.53
CA ALA A 367 -38.16 -8.83 2.36
C ALA A 367 -38.83 -7.49 2.08
N THR A 368 -38.05 -6.42 1.82
CA THR A 368 -38.62 -5.11 1.52
C THR A 368 -38.07 -4.54 0.20
N HIS A 369 -38.76 -3.54 -0.37
CA HIS A 369 -38.30 -2.93 -1.62
C HIS A 369 -37.11 -1.99 -1.37
N SER A 370 -36.11 -2.12 -2.21
CA SER A 370 -34.93 -1.26 -2.15
C SER A 370 -35.28 0.15 -2.71
N ASP A 371 -34.39 1.13 -2.54
CA ASP A 371 -34.53 2.45 -3.11
C ASP A 371 -34.34 2.35 -4.63
N LYS A 372 -34.89 3.30 -5.39
CA LYS A 372 -34.77 3.28 -6.85
C LYS A 372 -33.41 3.82 -7.33
N PHE A 373 -32.47 2.91 -7.60
CA PHE A 373 -31.12 3.25 -8.08
C PHE A 373 -31.13 3.82 -9.50
N THR A 374 -32.13 3.48 -10.31
CA THR A 374 -32.24 3.97 -11.69
C THR A 374 -32.69 5.44 -11.78
N ASP A 375 -33.24 6.00 -10.70
CA ASP A 375 -33.65 7.41 -10.68
C ASP A 375 -32.43 8.23 -10.28
N GLY A 376 -32.18 9.33 -10.96
CA GLY A 376 -31.07 10.22 -10.65
C GLY A 376 -29.70 9.65 -10.95
N VAL A 377 -28.71 10.02 -10.15
CA VAL A 377 -27.35 9.57 -10.39
C VAL A 377 -26.80 8.79 -9.17
N CYS A 378 -25.89 7.84 -9.40
CA CYS A 378 -25.26 7.08 -8.34
C CYS A 378 -23.81 7.57 -8.19
N LEU A 379 -23.38 7.84 -6.97
CA LEU A 379 -22.04 8.34 -6.71
C LEU A 379 -21.28 7.28 -5.95
N PHE A 380 -20.25 6.69 -6.58
CA PHE A 380 -19.39 5.67 -5.98
C PHE A 380 -17.99 6.28 -5.83
N TRP A 381 -17.73 6.99 -4.73
CA TRP A 381 -16.42 7.59 -4.52
C TRP A 381 -15.57 6.63 -3.71
N ASN A 382 -14.71 5.87 -4.40
CA ASN A 382 -13.88 4.83 -3.82
C ASN A 382 -14.70 3.71 -3.25
N CYS A 383 -15.84 3.37 -3.88
CA CYS A 383 -16.67 2.25 -3.45
C CYS A 383 -16.58 1.24 -4.60
N ASN A 384 -15.68 0.26 -4.46
CA ASN A 384 -15.31 -0.68 -5.51
C ASN A 384 -16.34 -1.74 -5.83
N VAL A 385 -17.03 -1.62 -6.98
CA VAL A 385 -18.02 -2.63 -7.37
C VAL A 385 -17.57 -3.36 -8.66
N ASP A 386 -18.14 -4.55 -8.92
CA ASP A 386 -17.81 -5.35 -10.10
C ASP A 386 -18.28 -4.74 -11.46
N ARG A 387 -19.38 -4.00 -11.45
CA ARG A 387 -19.95 -3.44 -12.67
C ARG A 387 -20.83 -2.27 -12.27
N TYR A 388 -20.38 -1.04 -12.55
CA TYR A 388 -21.14 0.14 -12.19
C TYR A 388 -22.36 0.32 -13.04
N PRO A 389 -23.46 0.80 -12.45
CA PRO A 389 -24.64 1.15 -13.26
C PRO A 389 -24.29 2.28 -14.26
N ALA A 390 -25.02 2.39 -15.37
CA ALA A 390 -24.78 3.43 -16.38
C ALA A 390 -24.94 4.84 -15.84
N ASN A 391 -25.87 5.08 -14.88
CA ASN A 391 -26.05 6.44 -14.31
C ASN A 391 -25.09 6.69 -13.12
N SER A 392 -23.76 6.58 -13.33
CA SER A 392 -22.82 6.72 -12.22
C SER A 392 -21.73 7.75 -12.42
N ILE A 393 -21.21 8.26 -11.29
CA ILE A 393 -20.05 9.10 -11.13
C ILE A 393 -19.15 8.23 -10.26
N VAL A 394 -17.94 7.90 -10.75
CA VAL A 394 -17.07 6.96 -10.07
C VAL A 394 -15.61 7.43 -9.91
N CYS A 395 -15.05 7.19 -8.73
CA CYS A 395 -13.64 7.31 -8.44
C CYS A 395 -13.22 5.90 -8.04
N ARG A 396 -12.27 5.30 -8.77
CA ARG A 396 -11.81 3.95 -8.48
C ARG A 396 -10.28 3.95 -8.50
N PHE A 397 -9.66 3.54 -7.38
CA PHE A 397 -8.22 3.47 -7.27
C PHE A 397 -7.64 2.34 -8.16
N ASP A 398 -6.65 2.69 -8.96
CA ASP A 398 -5.98 1.74 -9.82
C ASP A 398 -4.83 1.12 -9.03
N THR A 399 -5.03 -0.12 -8.61
CA THR A 399 -4.08 -0.89 -7.83
C THR A 399 -2.74 -1.08 -8.53
N ARG A 400 -2.69 -0.97 -9.88
CA ARG A 400 -1.44 -1.18 -10.61
C ARG A 400 -0.45 -0.02 -10.48
N VAL A 401 -0.87 1.13 -9.97
CA VAL A 401 -0.01 2.32 -9.86
C VAL A 401 1.27 2.09 -9.04
N LEU A 402 2.44 2.56 -9.56
CA LEU A 402 3.70 2.50 -8.81
C LEU A 402 3.83 3.78 -7.97
N SER A 403 3.93 3.66 -6.65
CA SER A 403 4.15 4.78 -5.73
C SER A 403 4.60 4.29 -4.34
N ASN A 404 5.10 5.20 -3.50
CA ASN A 404 5.50 4.84 -2.13
C ASN A 404 4.30 4.58 -1.22
N LEU A 405 3.09 5.03 -1.60
CA LEU A 405 1.90 4.77 -0.78
C LEU A 405 1.25 3.40 -1.11
N ASN A 406 1.47 2.90 -2.31
CA ASN A 406 0.86 1.69 -2.79
C ASN A 406 1.83 0.50 -2.72
N LEU A 407 1.54 -0.46 -1.83
CA LEU A 407 2.38 -1.64 -1.67
C LEU A 407 1.73 -2.83 -2.39
N PRO A 408 2.54 -3.80 -2.86
CA PRO A 408 1.96 -5.00 -3.49
C PRO A 408 1.04 -5.74 -2.52
N GLY A 409 -0.10 -6.18 -3.03
CA GLY A 409 -1.11 -6.86 -2.22
C GLY A 409 -1.38 -8.30 -2.59
N CYS A 410 -2.56 -8.79 -2.18
N CYS A 410 -2.60 -8.76 -2.25
CA CYS A 410 -2.99 -10.18 -2.36
CA CYS A 410 -3.05 -10.13 -2.47
C CYS A 410 -4.00 -10.35 -3.49
C CYS A 410 -3.93 -10.25 -3.66
N ASP A 411 -3.79 -11.36 -4.36
CA ASP A 411 -4.61 -11.70 -5.51
C ASP A 411 -4.82 -10.56 -6.54
N GLY A 412 -3.75 -9.82 -6.84
CA GLY A 412 -3.81 -8.71 -7.79
C GLY A 412 -4.15 -7.36 -7.16
N GLY A 413 -4.67 -7.38 -5.94
CA GLY A 413 -5.00 -6.19 -5.19
C GLY A 413 -3.74 -5.53 -4.63
N SER A 414 -3.90 -4.36 -4.05
CA SER A 414 -2.77 -3.63 -3.48
C SER A 414 -3.14 -3.05 -2.13
N LEU A 415 -2.11 -2.76 -1.32
CA LEU A 415 -2.34 -2.19 -0.01
C LEU A 415 -2.00 -0.71 -0.10
N TYR A 416 -3.03 0.14 -0.14
CA TYR A 416 -2.81 1.58 -0.26
C TYR A 416 -2.74 2.16 1.12
N VAL A 417 -1.56 2.71 1.47
CA VAL A 417 -1.34 3.20 2.82
C VAL A 417 -1.17 4.70 2.83
N ASN A 418 -2.20 5.39 3.28
CA ASN A 418 -2.27 6.84 3.34
C ASN A 418 -3.14 7.12 4.55
N LYS A 419 -2.47 7.43 5.69
CA LYS A 419 -3.06 7.64 7.02
C LYS A 419 -3.55 6.31 7.60
N HIS A 420 -4.27 5.53 6.81
CA HIS A 420 -4.78 4.22 7.15
C HIS A 420 -4.39 3.22 6.06
N ALA A 421 -4.41 1.93 6.39
CA ALA A 421 -4.09 0.90 5.40
C ALA A 421 -5.38 0.39 4.76
N PHE A 422 -5.45 0.36 3.42
CA PHE A 422 -6.63 -0.09 2.71
C PHE A 422 -6.25 -1.11 1.66
N HIS A 423 -6.54 -2.39 1.90
CA HIS A 423 -6.32 -3.39 0.87
C HIS A 423 -7.45 -3.20 -0.12
N THR A 424 -7.12 -3.03 -1.42
CA THR A 424 -8.05 -2.72 -2.51
C THR A 424 -8.07 -3.86 -3.51
N PRO A 425 -9.25 -4.34 -3.94
CA PRO A 425 -9.28 -5.42 -4.95
C PRO A 425 -8.68 -5.01 -6.27
N ALA A 426 -8.17 -5.96 -7.04
CA ALA A 426 -7.55 -5.69 -8.34
C ALA A 426 -8.41 -4.80 -9.26
N PHE A 427 -7.74 -3.80 -9.86
CA PHE A 427 -8.38 -2.91 -10.80
C PHE A 427 -8.80 -3.76 -12.04
N ASP A 428 -10.04 -3.60 -12.46
CA ASP A 428 -10.61 -4.37 -13.52
C ASP A 428 -11.33 -3.41 -14.45
N LYS A 429 -10.82 -3.25 -15.69
CA LYS A 429 -11.38 -2.34 -16.70
C LYS A 429 -12.82 -2.64 -17.05
N SER A 430 -13.21 -3.92 -16.99
CA SER A 430 -14.59 -4.31 -17.31
C SER A 430 -15.63 -3.77 -16.32
N ALA A 431 -15.21 -3.33 -15.11
CA ALA A 431 -16.17 -2.71 -14.16
C ALA A 431 -16.80 -1.44 -14.76
N PHE A 432 -16.11 -0.79 -15.70
CA PHE A 432 -16.48 0.51 -16.29
C PHE A 432 -17.15 0.46 -17.66
N VAL A 433 -17.62 -0.70 -18.15
CA VAL A 433 -18.22 -0.85 -19.49
C VAL A 433 -19.42 0.05 -19.76
N ASN A 434 -20.24 0.36 -18.74
CA ASN A 434 -21.39 1.24 -18.94
C ASN A 434 -21.05 2.74 -18.84
N LEU A 435 -19.80 3.08 -18.58
CA LEU A 435 -19.39 4.48 -18.40
C LEU A 435 -18.27 4.88 -19.40
N LYS A 436 -17.80 6.11 -19.30
CA LYS A 436 -16.65 6.58 -20.08
C LYS A 436 -15.66 7.23 -19.09
N GLN A 437 -14.39 7.40 -19.51
CA GLN A 437 -13.42 8.12 -18.69
C GLN A 437 -13.87 9.57 -18.54
N LEU A 438 -13.78 10.13 -17.33
CA LEU A 438 -14.17 11.52 -17.11
C LEU A 438 -13.02 12.44 -17.61
N PRO A 439 -13.26 13.31 -18.60
CA PRO A 439 -12.20 14.22 -19.05
C PRO A 439 -11.93 15.32 -18.04
N PHE A 440 -10.71 15.90 -18.09
CA PHE A 440 -10.38 17.03 -17.22
C PHE A 440 -11.16 18.25 -17.69
N PHE A 441 -11.66 19.01 -16.72
CA PHE A 441 -12.28 20.31 -16.92
C PHE A 441 -12.23 21.02 -15.58
N TYR A 442 -12.28 22.34 -15.60
CA TYR A 442 -12.35 23.16 -14.41
C TYR A 442 -13.63 23.96 -14.56
N TYR A 443 -14.49 24.04 -13.55
CA TYR A 443 -15.73 24.82 -13.64
C TYR A 443 -15.77 25.78 -12.47
N SER A 444 -16.27 27.00 -12.68
CA SER A 444 -16.46 27.95 -11.58
C SER A 444 -17.50 28.99 -11.92
N ASP A 445 -18.41 29.20 -10.97
CA ASP A 445 -19.45 30.23 -10.99
C ASP A 445 -19.05 31.41 -10.07
N SER A 446 -17.90 31.34 -9.36
CA SER A 446 -17.43 32.39 -8.47
C SER A 446 -17.18 33.70 -9.24
N PRO A 447 -17.40 34.86 -8.59
CA PRO A 447 -17.19 36.13 -9.29
C PRO A 447 -15.75 36.34 -9.77
N CYS A 448 -15.58 37.13 -10.83
CA CYS A 448 -14.25 37.41 -11.36
C CYS A 448 -13.62 38.56 -10.56
N GLU A 449 -13.01 38.25 -9.41
CA GLU A 449 -12.40 39.23 -8.50
C GLU A 449 -11.09 38.64 -7.93
N SER A 450 -9.97 39.40 -8.03
CA SER A 450 -8.61 39.00 -7.64
C SER A 450 -8.32 38.79 -6.12
N HIS A 451 -8.35 39.87 -5.30
CA HIS A 451 -8.03 39.83 -3.86
C HIS A 451 -6.58 39.43 -3.54
N GLY A 452 -5.84 40.33 -2.91
CA GLY A 452 -4.47 40.07 -2.49
C GLY A 452 -3.38 40.56 -3.42
N ILE A 459 3.30 35.92 -7.22
CA ILE A 459 2.68 35.23 -8.35
C ILE A 459 2.70 36.13 -9.59
N ASP A 460 3.53 35.80 -10.60
CA ASP A 460 3.59 36.63 -11.80
C ASP A 460 2.97 35.92 -13.03
N TYR A 461 2.04 36.64 -13.70
CA TYR A 461 1.14 36.23 -14.77
C TYR A 461 1.70 36.08 -16.20
N VAL A 462 1.07 35.12 -16.92
CA VAL A 462 1.11 34.73 -18.32
C VAL A 462 -0.38 34.40 -18.56
N PRO A 463 -1.08 35.13 -19.43
CA PRO A 463 -2.53 34.91 -19.57
C PRO A 463 -2.94 33.48 -19.92
N LEU A 464 -4.03 33.01 -19.29
CA LEU A 464 -4.48 31.63 -19.52
C LEU A 464 -5.36 31.51 -20.74
N LYS A 465 -5.04 30.52 -21.59
CA LYS A 465 -5.84 30.14 -22.74
C LYS A 465 -6.13 28.65 -22.62
N SER A 466 -7.41 28.31 -22.43
CA SER A 466 -7.79 26.90 -22.32
C SER A 466 -9.23 26.69 -22.68
N ALA A 467 -9.51 25.66 -23.45
CA ALA A 467 -10.89 25.32 -23.80
C ALA A 467 -11.62 24.65 -22.59
N THR A 468 -10.89 24.18 -21.56
CA THR A 468 -11.46 23.49 -20.42
C THR A 468 -11.62 24.37 -19.16
N CYS A 469 -11.40 25.68 -19.27
CA CYS A 469 -11.62 26.62 -18.18
C CYS A 469 -13.07 27.07 -18.37
N ILE A 470 -14.02 26.40 -17.72
CA ILE A 470 -15.42 26.73 -17.88
C ILE A 470 -15.84 27.82 -16.86
N THR A 471 -15.65 29.09 -17.28
CA THR A 471 -15.96 30.28 -16.49
C THR A 471 -16.65 31.37 -17.36
N ARG A 472 -17.30 32.35 -16.71
CA ARG A 472 -17.96 33.48 -17.39
C ARG A 472 -16.93 34.31 -18.18
N CYS A 473 -15.73 34.49 -17.60
CA CYS A 473 -14.67 35.24 -18.24
C CYS A 473 -14.21 34.56 -19.51
N ASN A 474 -14.12 33.22 -19.52
CA ASN A 474 -13.72 32.50 -20.73
C ASN A 474 -14.81 32.53 -21.80
N LEU A 475 -16.08 32.47 -21.36
CA LEU A 475 -17.24 32.59 -22.24
C LEU A 475 -17.20 33.99 -22.91
N GLY A 476 -16.92 35.01 -22.10
CA GLY A 476 -16.84 36.38 -22.55
C GLY A 476 -15.59 36.77 -23.32
N GLY A 477 -14.67 35.83 -23.55
CA GLY A 477 -13.50 36.11 -24.37
C GLY A 477 -12.11 36.08 -23.74
N ALA A 478 -11.99 36.27 -22.41
CA ALA A 478 -10.67 36.34 -21.76
C ALA A 478 -10.70 35.97 -20.28
N VAL A 479 -9.98 34.89 -19.93
CA VAL A 479 -9.90 34.42 -18.55
C VAL A 479 -9.27 35.48 -17.60
N CYS A 480 -10.01 35.84 -16.52
CA CYS A 480 -9.56 36.78 -15.51
C CYS A 480 -8.42 36.16 -14.69
N ARG A 481 -7.64 36.98 -13.98
CA ARG A 481 -6.51 36.49 -13.21
C ARG A 481 -6.91 35.49 -12.12
N HIS A 482 -7.99 35.76 -11.37
CA HIS A 482 -8.46 34.88 -10.32
C HIS A 482 -8.77 33.46 -10.84
N HIS A 483 -9.53 33.36 -11.94
CA HIS A 483 -9.88 32.05 -12.47
C HIS A 483 -8.70 31.34 -13.14
N ALA A 484 -7.69 32.10 -13.62
CA ALA A 484 -6.48 31.52 -14.20
C ALA A 484 -5.65 30.87 -13.06
N ASN A 485 -5.53 31.57 -11.90
CA ASN A 485 -4.81 31.06 -10.73
C ASN A 485 -5.51 29.83 -10.20
N GLU A 486 -6.85 29.88 -10.08
CA GLU A 486 -7.67 28.77 -9.57
C GLU A 486 -7.65 27.58 -10.51
N TYR A 487 -7.60 27.84 -11.82
CA TYR A 487 -7.55 26.77 -12.81
C TYR A 487 -6.22 26.04 -12.68
N ARG A 488 -5.12 26.79 -12.54
CA ARG A 488 -3.78 26.19 -12.45
C ARG A 488 -3.60 25.40 -11.18
N LEU A 489 -4.20 25.86 -10.07
CA LEU A 489 -4.17 25.14 -8.80
C LEU A 489 -5.00 23.86 -8.91
N TYR A 490 -6.17 23.95 -9.56
CA TYR A 490 -7.04 22.80 -9.74
C TYR A 490 -6.44 21.76 -10.68
N LEU A 491 -5.77 22.18 -11.75
CA LEU A 491 -5.11 21.25 -12.67
C LEU A 491 -3.98 20.51 -11.91
N ASP A 492 -3.25 21.22 -11.03
CA ASP A 492 -2.18 20.60 -10.24
C ASP A 492 -2.77 19.56 -9.30
N ALA A 493 -3.90 19.88 -8.62
CA ALA A 493 -4.59 18.95 -7.69
C ALA A 493 -5.09 17.70 -8.45
N TYR A 494 -5.71 17.90 -9.61
CA TYR A 494 -6.21 16.84 -10.46
C TYR A 494 -5.08 15.89 -10.85
N ASN A 495 -3.93 16.46 -11.33
CA ASN A 495 -2.77 15.66 -11.74
C ASN A 495 -2.17 14.88 -10.56
N MET A 496 -2.19 15.48 -9.37
CA MET A 496 -1.69 14.87 -8.16
C MET A 496 -2.54 13.62 -7.81
N MET A 497 -3.87 13.78 -7.85
CA MET A 497 -4.81 12.71 -7.59
C MET A 497 -4.70 11.57 -8.62
N ILE A 498 -4.53 11.90 -9.91
CA ILE A 498 -4.42 10.91 -10.98
C ILE A 498 -3.12 10.13 -10.86
N SER A 499 -2.01 10.84 -10.65
CA SER A 499 -0.70 10.20 -10.52
C SER A 499 -0.59 9.36 -9.22
N ALA A 500 -1.40 9.68 -8.19
CA ALA A 500 -1.47 8.86 -6.99
C ALA A 500 -2.20 7.51 -7.27
N GLY A 501 -2.86 7.36 -8.42
CA GLY A 501 -3.51 6.11 -8.79
C GLY A 501 -5.01 6.16 -8.99
N PHE A 502 -5.66 7.26 -8.62
CA PHE A 502 -7.12 7.36 -8.76
C PHE A 502 -7.55 7.55 -10.21
N SER A 503 -8.67 6.92 -10.60
CA SER A 503 -9.24 7.05 -11.94
C SER A 503 -10.70 7.49 -11.81
N LEU A 504 -11.15 8.34 -12.73
CA LEU A 504 -12.49 8.93 -12.73
C LEU A 504 -13.27 8.52 -13.94
N TRP A 505 -14.52 8.14 -13.70
CA TRP A 505 -15.42 7.61 -14.71
C TRP A 505 -16.79 8.25 -14.52
N VAL A 506 -17.53 8.40 -15.62
CA VAL A 506 -18.81 9.12 -15.58
C VAL A 506 -19.79 8.54 -16.61
N TYR A 507 -21.10 8.77 -16.38
CA TYR A 507 -22.15 8.36 -17.29
C TYR A 507 -21.88 8.95 -18.71
N LYS A 508 -22.17 8.17 -19.77
CA LYS A 508 -21.84 8.55 -21.16
C LYS A 508 -22.47 9.86 -21.68
N GLN A 509 -23.62 10.29 -21.13
CA GLN A 509 -24.23 11.55 -21.58
C GLN A 509 -23.56 12.79 -20.99
N PHE A 510 -22.59 12.63 -20.07
CA PHE A 510 -21.92 13.77 -19.45
C PHE A 510 -21.22 14.62 -20.52
N ASP A 511 -21.51 15.92 -20.54
CA ASP A 511 -20.99 16.83 -21.53
C ASP A 511 -20.81 18.19 -20.90
N THR A 512 -19.54 18.66 -20.84
CA THR A 512 -19.26 19.96 -20.25
C THR A 512 -19.84 21.12 -21.06
N TYR A 513 -20.22 20.89 -22.35
CA TYR A 513 -20.86 21.94 -23.16
C TYR A 513 -22.12 22.46 -22.49
N ASN A 514 -22.80 21.59 -21.71
CA ASN A 514 -24.01 21.93 -20.96
C ASN A 514 -23.74 22.88 -19.76
N LEU A 515 -22.47 23.08 -19.39
CA LEU A 515 -22.11 23.99 -18.30
C LEU A 515 -22.05 25.47 -18.70
N TRP A 516 -21.81 25.77 -19.98
CA TRP A 516 -21.71 27.16 -20.44
C TRP A 516 -23.03 27.96 -20.25
N ASN A 517 -24.20 27.30 -20.40
CA ASN A 517 -25.50 27.97 -20.21
C ASN A 517 -25.85 28.23 -18.73
N THR A 518 -25.04 27.74 -17.78
CA THR A 518 -25.22 28.13 -16.37
C THR A 518 -24.74 29.62 -16.14
N PHE A 519 -24.14 30.26 -17.18
CA PHE A 519 -23.73 31.66 -17.23
C PHE A 519 -24.65 32.33 -18.25
N THR A 520 -25.63 33.12 -17.79
CA THR A 520 -26.61 33.76 -18.68
C THR A 520 -27.02 35.13 -18.14
#